data_4BBZ
#
_entry.id   4BBZ
#
_cell.length_a   154.680
_cell.length_b   154.680
_cell.length_c   126.990
_cell.angle_alpha   90.00
_cell.angle_beta   90.00
_cell.angle_gamma   90.00
#
_symmetry.space_group_name_H-M   'I 4 2 2'
#
loop_
_entity.id
_entity.type
_entity.pdbx_description
1 polymer CHOLINESTERASE
2 branched beta-L-fucopyranose-(1-6)-2-acetamido-2-deoxy-beta-D-glucopyranose
3 branched 2-acetamido-2-deoxy-beta-D-glucopyranose-(1-4)-[beta-L-fucopyranose-(1-6)]2-acetamido-2-deoxy-beta-D-glucopyranose
4 non-polymer 'UNKNOWN ATOM OR ION'
5 non-polymer 2-acetamido-2-deoxy-beta-D-glucopyranose
6 non-polymer 'SULFATE ION'
7 non-polymer 'CHLORIDE ION'
8 non-polymer '(2-methylphenyl) dihydrogen phosphate'
9 water water
#
_entity_poly.entity_id   1
_entity_poly.type   'polypeptide(L)'
_entity_poly.pdbx_seq_one_letter_code
;EDDIIIATKNGKVRGMQLTVFGGTVTAFLGIPYAQPPLGRLRFKKPQSLTKWSDIWNATKYANSCCQNIDQSFPGFHGSE
MWNPNTDLSEDCLYLNVWIPAPKPKNATVLIWIYGGGFQTGTSSLHVYDGKFLARVERVIVVSMNYRVGALGFLALPGNP
EAPGNMGLFDQQLALQWVQKNIAAFGGNPKSVTLFGESAGAASVSLHLLSPGSHSLFTRAILQSGSFNAPWAVTSLYEAR
NRTLNLAKLTGCSRENETEIIKCLRNKDPQEILLNEAFVVPYGTPLSVNFGPTVDGDFLTDMPDILLELGQFKKTQILVG
VNKDEGTAFLVYGAPGFSKDNNSIITRKEFQEGLKIFFPGVSEFGKESILFHYTDWVDDQRPENYREALGDVVGDYNFIC
PALEFTKKFSEWGNNAFFYYFEHRSSKLPWPEWMGVMHGYEIEFVFGLPLERRDQYTKAEEILSRSIVKRWANFAKYGNP
QETQNNSTSWPVFKSTEQKYLTLNTESTRIMTKLRAQQCRFWTSFFPKV
;
_entity_poly.pdbx_strand_id   A
#
loop_
_chem_comp.id
_chem_comp.type
_chem_comp.name
_chem_comp.formula
4OJ non-polymer '(2-methylphenyl) dihydrogen phosphate' 'C7 H9 O4 P'
CL non-polymer 'CHLORIDE ION' 'Cl -1'
FUL L-saccharide, beta linking beta-L-fucopyranose 'C6 H12 O5'
NAG D-saccharide, beta linking 2-acetamido-2-deoxy-beta-D-glucopyranose 'C8 H15 N O6'
SO4 non-polymer 'SULFATE ION' 'O4 S -2'
UNX non-polymer 'UNKNOWN ATOM OR ION' ?
#
# COMPACT_ATOMS: atom_id res chain seq x y z
N ASP A 3 29.14 20.37 -4.83
CA ASP A 3 28.10 20.36 -3.81
C ASP A 3 26.73 20.66 -4.41
N ILE A 4 25.68 20.04 -3.87
CA ILE A 4 24.33 20.15 -4.42
C ILE A 4 23.30 20.56 -3.37
N ILE A 5 23.06 21.85 -3.22
CA ILE A 5 22.16 22.37 -2.20
C ILE A 5 20.89 22.98 -2.79
N ILE A 6 19.75 22.59 -2.23
CA ILE A 6 18.46 23.13 -2.65
C ILE A 6 17.82 23.93 -1.52
N ALA A 7 17.32 25.11 -1.85
CA ALA A 7 16.61 25.93 -0.88
C ALA A 7 15.11 25.61 -0.88
N THR A 8 14.61 25.15 0.26
CA THR A 8 13.18 24.88 0.41
C THR A 8 12.58 25.94 1.32
N LYS A 9 11.25 26.01 1.37
CA LYS A 9 10.54 27.00 2.19
C LYS A 9 11.01 27.02 3.65
N ASN A 10 11.33 25.85 4.20
CA ASN A 10 11.74 25.73 5.59
C ASN A 10 13.25 25.79 5.79
N GLY A 11 14.02 25.74 4.69
CA GLY A 11 15.46 25.87 4.79
C GLY A 11 16.26 25.11 3.76
N LYS A 12 17.58 25.30 3.80
CA LYS A 12 18.51 24.63 2.90
C LYS A 12 18.62 23.12 3.19
N VAL A 13 18.72 22.32 2.13
CA VAL A 13 18.99 20.88 2.29
C VAL A 13 20.05 20.39 1.29
N ARG A 14 20.99 19.57 1.77
CA ARG A 14 22.02 18.99 0.91
C ARG A 14 21.76 17.51 0.62
N GLY A 15 22.01 17.11 -0.62
CA GLY A 15 21.85 15.72 -1.01
C GLY A 15 23.17 15.04 -1.31
N MET A 16 23.12 14.07 -2.20
CA MET A 16 24.30 13.32 -2.58
C MET A 16 24.14 12.77 -4.00
N GLN A 17 25.26 12.61 -4.70
CA GLN A 17 25.22 12.12 -6.07
C GLN A 17 25.35 10.61 -6.12
N LEU A 18 24.52 9.99 -6.94
CA LEU A 18 24.52 8.54 -7.08
C LEU A 18 24.79 8.26 -8.54
N THR A 19 25.66 7.31 -8.82
CA THR A 19 25.83 6.91 -10.20
C THR A 19 24.96 5.69 -10.50
N VAL A 20 24.03 5.88 -11.44
CA VAL A 20 23.14 4.83 -11.89
C VAL A 20 23.27 4.71 -13.40
N PHE A 21 23.51 3.50 -13.88
CA PHE A 21 23.50 3.19 -15.32
C PHE A 21 24.30 4.21 -16.10
N GLY A 22 25.58 4.36 -15.76
CA GLY A 22 26.45 5.31 -16.44
C GLY A 22 25.96 6.75 -16.41
N GLY A 23 25.08 7.07 -15.48
CA GLY A 23 24.57 8.42 -15.35
C GLY A 23 24.64 8.89 -13.92
N THR A 24 23.85 9.90 -13.58
CA THR A 24 23.84 10.43 -12.23
C THR A 24 22.43 10.76 -11.77
N VAL A 25 22.13 10.41 -10.53
CA VAL A 25 20.87 10.80 -9.90
C VAL A 25 21.18 11.48 -8.56
N THR A 26 20.46 12.56 -8.27
CA THR A 26 20.62 13.24 -6.98
C THR A 26 19.59 12.77 -5.95
N ALA A 27 20.08 12.25 -4.83
CA ALA A 27 19.18 11.75 -3.78
C ALA A 27 19.16 12.67 -2.57
N PHE A 28 17.97 13.06 -2.16
CA PHE A 28 17.77 13.77 -0.91
C PHE A 28 17.03 12.84 0.02
N LEU A 29 17.79 12.09 0.83
CA LEU A 29 17.21 11.10 1.72
C LEU A 29 16.95 11.67 3.11
N GLY A 30 15.73 11.51 3.60
CA GLY A 30 15.38 11.92 4.95
C GLY A 30 15.23 13.41 5.17
N ILE A 31 14.33 14.04 4.43
CA ILE A 31 13.98 15.42 4.67
C ILE A 31 12.78 15.45 5.62
N PRO A 32 12.86 16.24 6.71
CA PRO A 32 11.73 16.31 7.64
C PRO A 32 10.54 17.06 7.02
N TYR A 33 9.32 16.68 7.34
CA TYR A 33 8.17 17.40 6.79
C TYR A 33 7.13 17.78 7.84
N ALA A 34 7.43 17.50 9.12
CA ALA A 34 6.58 17.90 10.24
C ALA A 34 7.36 17.90 11.55
N GLN A 35 6.86 18.63 12.54
CA GLN A 35 7.43 18.50 13.89
C GLN A 35 7.26 17.05 14.31
N PRO A 36 8.32 16.45 14.86
CA PRO A 36 8.22 15.06 15.33
C PRO A 36 7.07 14.90 16.33
N PRO A 37 6.19 13.91 16.11
CA PRO A 37 4.99 13.79 16.94
C PRO A 37 5.27 13.12 18.27
N LEU A 38 6.11 13.76 19.08
CA LEU A 38 6.55 13.24 20.37
C LEU A 38 5.87 13.96 21.51
N GLY A 39 5.92 13.35 22.69
CA GLY A 39 5.42 13.97 23.91
C GLY A 39 3.92 14.20 23.83
N ARG A 40 3.51 15.45 24.05
CA ARG A 40 2.09 15.82 23.93
C ARG A 40 1.57 15.76 22.50
N LEU A 41 2.43 15.43 21.53
CA LEU A 41 2.01 15.36 20.13
C LEU A 41 1.61 13.95 19.65
N ARG A 42 1.92 12.92 20.44
CA ARG A 42 1.51 11.57 20.11
C ARG A 42 -0.01 11.45 19.94
N PHE A 43 -0.43 10.72 18.91
CA PHE A 43 -1.83 10.55 18.49
C PHE A 43 -2.49 11.79 17.87
N LYS A 44 -1.82 12.94 17.91
CA LYS A 44 -2.38 14.10 17.25
C LYS A 44 -2.00 14.12 15.77
N LYS A 45 -2.80 14.85 15.00
CA LYS A 45 -2.46 15.27 13.65
C LYS A 45 -1.03 15.84 13.61
N PRO A 46 -0.40 15.83 12.42
CA PRO A 46 0.97 16.37 12.33
C PRO A 46 1.01 17.89 12.29
N GLN A 47 1.90 18.49 13.08
CA GLN A 47 2.06 19.93 13.11
C GLN A 47 3.11 20.35 12.10
N SER A 48 2.89 21.50 11.47
CA SER A 48 3.79 22.01 10.42
C SER A 48 5.19 22.27 10.98
N LEU A 49 6.18 22.32 10.10
CA LEU A 49 7.56 22.34 10.54
C LEU A 49 8.16 23.73 10.82
N THR A 50 8.89 23.80 11.92
CA THR A 50 9.63 24.99 12.35
C THR A 50 10.79 25.28 11.40
N LYS A 51 10.80 26.48 10.84
CA LYS A 51 11.91 26.98 10.01
C LYS A 51 13.28 26.69 10.63
N TRP A 52 14.29 26.46 9.79
CA TRP A 52 15.66 26.26 10.29
C TRP A 52 16.73 27.00 9.49
N SER A 53 17.69 27.57 10.22
CA SER A 53 18.89 28.11 9.62
C SER A 53 19.88 26.97 9.46
N ASP A 54 21.05 27.27 8.89
CA ASP A 54 22.02 26.25 8.51
C ASP A 54 21.42 25.29 7.50
N ILE A 55 22.15 24.21 7.22
CA ILE A 55 21.69 23.29 6.19
C ILE A 55 21.33 21.93 6.80
N TRP A 56 20.34 21.27 6.19
CA TRP A 56 19.98 19.93 6.61
C TRP A 56 20.61 18.89 5.70
N ASN A 57 21.44 18.04 6.27
CA ASN A 57 22.07 16.96 5.53
C ASN A 57 21.10 15.82 5.27
N ALA A 58 20.60 15.76 4.03
CA ALA A 58 19.69 14.70 3.63
C ALA A 58 20.43 13.60 2.90
N THR A 59 21.32 12.90 3.62
CA THR A 59 22.23 11.98 2.96
C THR A 59 22.13 10.52 3.43
N LYS A 60 21.26 10.25 4.39
CA LYS A 60 20.92 8.88 4.78
C LYS A 60 19.42 8.76 5.05
N TYR A 61 18.87 7.57 4.88
CA TYR A 61 17.45 7.36 5.21
C TYR A 61 17.15 7.65 6.67
N ALA A 62 16.02 8.27 6.95
CA ALA A 62 15.69 8.62 8.33
C ALA A 62 15.14 7.43 9.12
N ASN A 63 14.90 7.66 10.41
CA ASN A 63 14.19 6.69 11.25
C ASN A 63 12.87 6.20 10.67
N SER A 64 12.65 4.89 10.73
CA SER A 64 11.35 4.29 10.42
C SER A 64 10.41 4.44 11.62
N CYS A 65 9.11 4.49 11.36
CA CYS A 65 8.11 4.64 12.42
C CYS A 65 7.99 3.37 13.29
N CYS A 66 7.74 3.57 14.58
CA CYS A 66 7.53 2.49 15.54
C CYS A 66 6.55 1.44 14.99
N GLN A 67 6.92 0.18 15.11
CA GLN A 67 6.11 -0.90 14.56
C GLN A 67 6.59 -2.26 15.02
N ASN A 68 5.67 -3.22 15.02
CA ASN A 68 6.00 -4.60 15.30
C ASN A 68 6.60 -5.26 14.06
N ILE A 69 7.58 -6.12 14.27
CA ILE A 69 8.29 -6.76 13.17
C ILE A 69 7.85 -8.20 12.97
N ASP A 70 7.68 -8.58 11.71
CA ASP A 70 7.49 -10.00 11.36
C ASP A 70 8.66 -10.88 11.87
N GLN A 71 8.36 -11.73 12.88
CA GLN A 71 9.36 -12.66 13.40
C GLN A 71 9.03 -14.11 13.11
N SER A 72 8.26 -14.38 12.06
CA SER A 72 7.88 -15.75 11.74
C SER A 72 9.01 -16.51 11.02
N PHE A 73 9.77 -15.81 10.19
CA PHE A 73 10.86 -16.45 9.46
C PHE A 73 12.18 -15.71 9.62
N PRO A 74 12.78 -15.78 10.83
CA PRO A 74 14.05 -15.09 11.08
C PRO A 74 15.16 -15.61 10.16
N GLY A 75 15.81 -14.71 9.43
CA GLY A 75 16.93 -15.08 8.59
C GLY A 75 16.56 -15.35 7.15
N PHE A 76 15.26 -15.39 6.87
CA PHE A 76 14.72 -15.68 5.54
C PHE A 76 14.43 -14.38 4.80
N HIS A 77 15.05 -14.22 3.63
CA HIS A 77 14.99 -12.97 2.89
C HIS A 77 13.57 -12.64 2.46
N GLY A 78 12.78 -13.69 2.18
CA GLY A 78 11.43 -13.55 1.71
C GLY A 78 10.57 -12.70 2.63
N SER A 79 10.81 -12.82 3.93
CA SER A 79 10.03 -12.06 4.91
C SER A 79 10.79 -10.86 5.43
N GLU A 80 12.10 -11.00 5.56
CA GLU A 80 12.88 -9.94 6.20
C GLU A 80 13.12 -8.74 5.28
N MET A 81 13.04 -8.95 3.97
CA MET A 81 13.08 -7.86 3.01
C MET A 81 11.96 -6.81 3.20
N TRP A 82 10.91 -7.18 3.94
CA TRP A 82 9.85 -6.22 4.22
C TRP A 82 10.02 -5.54 5.58
N ASN A 83 10.88 -6.11 6.42
CA ASN A 83 11.19 -5.52 7.74
C ASN A 83 11.94 -4.19 7.60
N PRO A 84 11.67 -3.26 8.52
CA PRO A 84 12.34 -1.94 8.57
C PRO A 84 13.86 -2.07 8.52
N ASN A 85 14.49 -1.22 7.72
CA ASN A 85 15.95 -1.23 7.58
C ASN A 85 16.60 0.05 8.14
N THR A 86 15.85 0.81 8.92
CA THR A 86 16.41 1.89 9.72
C THR A 86 15.85 1.82 11.14
N ASP A 87 16.58 2.40 12.09
CA ASP A 87 16.12 2.59 13.48
C ASP A 87 14.66 2.95 13.53
N LEU A 88 13.92 2.31 14.44
CA LEU A 88 12.53 2.66 14.70
C LEU A 88 12.51 3.79 15.72
N SER A 89 11.50 4.65 15.61
CA SER A 89 11.48 5.84 16.42
C SER A 89 10.14 6.53 16.21
N GLU A 90 9.65 7.23 17.22
CA GLU A 90 8.45 8.02 17.02
C GLU A 90 8.79 9.23 16.17
N ASP A 91 10.04 9.67 16.25
CA ASP A 91 10.51 10.76 15.41
C ASP A 91 10.81 10.14 14.04
N CYS A 92 9.79 10.14 13.18
CA CYS A 92 9.90 9.41 11.92
C CYS A 92 9.24 10.10 10.72
N LEU A 93 8.66 11.28 10.90
CA LEU A 93 8.00 11.97 9.79
C LEU A 93 9.01 12.65 8.86
N TYR A 94 9.53 11.88 7.91
CA TYR A 94 10.51 12.36 6.95
C TYR A 94 10.15 11.86 5.55
N LEU A 95 10.78 12.41 4.52
CA LEU A 95 10.59 11.96 3.15
C LEU A 95 11.86 11.99 2.31
N ASN A 96 11.79 11.42 1.12
CA ASN A 96 12.92 11.34 0.22
C ASN A 96 12.58 11.91 -1.15
N VAL A 97 13.58 12.49 -1.81
CA VAL A 97 13.40 12.98 -3.16
C VAL A 97 14.56 12.51 -4.05
N TRP A 98 14.19 11.92 -5.19
CA TRP A 98 15.20 11.56 -6.17
C TRP A 98 14.93 12.43 -7.38
N ILE A 99 15.94 13.14 -7.83
CA ILE A 99 15.79 13.97 -9.02
C ILE A 99 16.86 13.59 -10.04
N PRO A 100 16.48 13.62 -11.33
CA PRO A 100 17.48 13.23 -12.33
C PRO A 100 18.59 14.26 -12.40
N ALA A 101 19.78 13.85 -12.82
CA ALA A 101 20.86 14.79 -13.10
C ALA A 101 21.15 14.78 -14.59
N PRO A 102 21.22 15.99 -15.19
CA PRO A 102 21.09 17.27 -14.49
C PRO A 102 19.65 17.65 -14.15
N LYS A 103 19.53 18.49 -13.12
CA LYS A 103 18.26 19.04 -12.63
C LYS A 103 17.26 19.28 -13.75
N PRO A 104 16.10 18.62 -13.67
CA PRO A 104 15.10 18.76 -14.72
C PRO A 104 14.48 20.15 -14.65
N LYS A 105 13.73 20.52 -15.68
CA LYS A 105 13.09 21.83 -15.72
C LYS A 105 11.69 21.80 -15.09
N ASN A 106 10.85 20.88 -15.55
CA ASN A 106 9.44 20.83 -15.14
C ASN A 106 8.95 19.39 -15.04
N ALA A 107 9.60 18.61 -14.18
CA ALA A 107 9.44 17.15 -14.17
C ALA A 107 8.18 16.65 -13.48
N THR A 108 7.53 15.67 -14.11
CA THR A 108 6.42 14.96 -13.49
C THR A 108 6.92 14.27 -12.22
N VAL A 109 6.08 14.24 -11.19
CA VAL A 109 6.49 13.74 -9.90
C VAL A 109 5.71 12.51 -9.49
N LEU A 110 6.44 11.47 -9.10
CA LEU A 110 5.82 10.25 -8.56
C LEU A 110 5.98 10.16 -7.06
N ILE A 111 4.86 10.09 -6.35
CA ILE A 111 4.89 9.97 -4.90
C ILE A 111 4.48 8.58 -4.44
N TRP A 112 5.43 7.85 -3.86
CA TRP A 112 5.20 6.49 -3.36
C TRP A 112 4.64 6.42 -1.94
N ILE A 113 3.63 5.58 -1.75
CA ILE A 113 3.10 5.28 -0.42
C ILE A 113 3.08 3.78 -0.17
N TYR A 114 3.91 3.31 0.76
CA TYR A 114 4.08 1.86 1.01
C TYR A 114 2.89 1.17 1.72
N GLY A 115 2.81 -0.14 1.55
CA GLY A 115 1.90 -0.96 2.32
C GLY A 115 2.51 -1.44 3.64
N GLY A 116 1.83 -2.35 4.32
CA GLY A 116 2.21 -2.74 5.66
C GLY A 116 0.97 -2.91 6.54
N GLY A 117 -0.19 -3.08 5.90
CA GLY A 117 -1.44 -3.31 6.63
C GLY A 117 -1.81 -2.18 7.57
N PHE A 118 -1.27 -0.98 7.32
CA PHE A 118 -1.41 0.17 8.22
C PHE A 118 -0.76 -0.07 9.57
N GLN A 119 0.01 -1.16 9.68
CA GLN A 119 0.62 -1.56 10.94
C GLN A 119 2.12 -1.53 10.79
N THR A 120 2.61 -1.71 9.57
CA THR A 120 4.05 -1.77 9.32
C THR A 120 4.43 -1.01 8.05
N GLY A 121 5.72 -1.00 7.73
CA GLY A 121 6.22 -0.39 6.50
C GLY A 121 7.19 0.76 6.70
N THR A 122 7.95 1.07 5.65
CA THR A 122 8.91 2.17 5.68
C THR A 122 9.36 2.46 4.24
N SER A 123 9.63 3.73 3.98
CA SER A 123 9.94 4.21 2.63
C SER A 123 11.35 3.78 2.20
N SER A 124 12.18 3.42 3.19
CA SER A 124 13.60 3.17 2.99
C SER A 124 13.94 1.76 2.51
N LEU A 125 12.93 0.96 2.18
CA LEU A 125 13.17 -0.40 1.67
C LEU A 125 13.83 -0.40 0.30
N HIS A 126 14.70 -1.38 0.09
CA HIS A 126 15.40 -1.59 -1.17
C HIS A 126 14.43 -1.61 -2.39
N VAL A 127 13.27 -2.23 -2.23
CA VAL A 127 12.30 -2.29 -3.32
C VAL A 127 11.54 -0.98 -3.58
N TYR A 128 11.78 0.04 -2.77
CA TYR A 128 11.18 1.35 -3.03
C TYR A 128 12.23 2.40 -3.41
N ASP A 129 13.40 1.95 -3.86
CA ASP A 129 14.47 2.85 -4.25
C ASP A 129 14.10 3.55 -5.55
N GLY A 130 13.92 4.87 -5.49
CA GLY A 130 13.49 5.63 -6.64
C GLY A 130 14.56 6.11 -7.61
N LYS A 131 15.81 5.72 -7.37
CA LYS A 131 16.89 6.18 -8.26
C LYS A 131 16.78 5.68 -9.71
N PHE A 132 16.25 4.48 -9.90
CA PHE A 132 16.12 3.93 -11.25
C PHE A 132 15.12 4.70 -12.08
N LEU A 133 13.95 4.96 -11.52
CA LEU A 133 12.91 5.73 -12.19
C LEU A 133 13.38 7.14 -12.56
N ALA A 134 14.11 7.78 -11.66
CA ALA A 134 14.60 9.11 -11.93
C ALA A 134 15.59 9.07 -13.09
N ARG A 135 16.53 8.13 -13.03
CA ARG A 135 17.53 7.96 -14.07
C ARG A 135 16.92 7.70 -15.46
N VAL A 136 16.04 6.72 -15.53
CA VAL A 136 15.60 6.13 -16.78
C VAL A 136 14.46 6.91 -17.44
N GLU A 137 13.56 7.46 -16.63
CA GLU A 137 12.40 8.17 -17.15
C GLU A 137 12.37 9.67 -16.86
N ARG A 138 13.38 10.13 -16.11
CA ARG A 138 13.55 11.53 -15.78
C ARG A 138 12.36 12.14 -15.01
N VAL A 139 11.58 11.29 -14.38
CA VAL A 139 10.59 11.76 -13.42
C VAL A 139 11.27 11.94 -12.06
N ILE A 140 10.65 12.71 -11.19
CA ILE A 140 11.12 12.86 -9.81
C ILE A 140 10.29 11.95 -8.92
N VAL A 141 10.97 11.13 -8.11
CA VAL A 141 10.30 10.21 -7.20
C VAL A 141 10.37 10.70 -5.75
N VAL A 142 9.20 10.77 -5.11
CA VAL A 142 9.11 11.12 -3.69
C VAL A 142 8.44 9.98 -2.92
N SER A 143 8.92 9.72 -1.71
CA SER A 143 8.26 8.78 -0.81
C SER A 143 8.38 9.30 0.60
N MET A 144 7.38 9.04 1.43
CA MET A 144 7.40 9.54 2.81
C MET A 144 7.21 8.41 3.82
N ASN A 145 7.69 8.63 5.03
CA ASN A 145 7.29 7.79 6.14
C ASN A 145 6.05 8.38 6.83
N TYR A 146 5.13 7.52 7.22
CA TYR A 146 3.95 7.99 7.92
C TYR A 146 3.66 7.02 9.05
N ARG A 147 3.02 7.50 10.11
CA ARG A 147 2.76 6.69 11.30
C ARG A 147 1.81 5.54 11.00
N VAL A 148 2.09 4.40 11.59
CA VAL A 148 1.27 3.20 11.41
C VAL A 148 0.85 2.65 12.78
N GLY A 149 0.03 1.60 12.78
CA GLY A 149 -0.51 1.06 14.02
C GLY A 149 -1.29 2.07 14.86
N ALA A 150 -1.42 1.78 16.16
CA ALA A 150 -2.14 2.69 17.05
C ALA A 150 -1.56 4.10 17.06
N LEU A 151 -0.23 4.22 17.03
CA LEU A 151 0.40 5.54 17.04
C LEU A 151 -0.04 6.41 15.88
N GLY A 152 -0.58 5.78 14.84
CA GLY A 152 -1.02 6.48 13.65
C GLY A 152 -2.51 6.40 13.35
N PHE A 153 -3.22 5.49 14.00
CA PHE A 153 -4.64 5.32 13.68
C PHE A 153 -5.55 5.10 14.89
N LEU A 154 -5.00 5.28 16.09
CA LEU A 154 -5.82 5.26 17.30
C LEU A 154 -6.96 6.27 17.15
N ALA A 155 -8.19 5.82 17.37
CA ALA A 155 -9.33 6.71 17.14
C ALA A 155 -10.29 6.85 18.31
N LEU A 156 -10.36 8.07 18.82
CA LEU A 156 -11.41 8.47 19.74
C LEU A 156 -12.16 9.59 18.98
N PRO A 157 -13.08 9.19 18.10
CA PRO A 157 -13.63 10.06 17.05
C PRO A 157 -14.28 11.33 17.60
N GLY A 158 -13.94 12.45 16.98
CA GLY A 158 -14.37 13.75 17.47
C GLY A 158 -13.25 14.42 18.24
N ASN A 159 -12.94 13.84 19.39
CA ASN A 159 -11.84 14.24 20.28
C ASN A 159 -10.51 14.42 19.56
N PRO A 160 -10.04 15.67 19.43
CA PRO A 160 -8.83 15.99 18.66
C PRO A 160 -7.53 15.52 19.32
N GLU A 161 -7.58 15.01 20.54
CA GLU A 161 -6.37 14.46 21.15
C GLU A 161 -5.95 13.15 20.48
N ALA A 162 -6.92 12.49 19.86
CA ALA A 162 -6.69 11.25 19.13
C ALA A 162 -7.86 11.04 18.18
N PRO A 163 -7.90 11.81 17.09
CA PRO A 163 -9.08 11.95 16.23
C PRO A 163 -9.21 10.85 15.17
N GLY A 164 -8.18 10.04 15.01
CA GLY A 164 -8.16 9.02 13.97
C GLY A 164 -7.42 9.50 12.72
N ASN A 165 -6.95 8.55 11.91
CA ASN A 165 -6.40 8.86 10.59
C ASN A 165 -5.13 9.70 10.55
N MET A 166 -4.47 9.88 11.69
CA MET A 166 -3.23 10.64 11.76
C MET A 166 -2.18 10.25 10.69
N GLY A 167 -1.95 8.95 10.52
CA GLY A 167 -1.08 8.46 9.47
C GLY A 167 -1.47 8.90 8.06
N LEU A 168 -2.77 8.99 7.79
CA LEU A 168 -3.24 9.52 6.50
C LEU A 168 -2.95 11.01 6.39
N PHE A 169 -2.99 11.71 7.53
CA PHE A 169 -2.68 13.14 7.52
C PHE A 169 -1.17 13.36 7.35
N ASP A 170 -0.38 12.42 7.87
CA ASP A 170 1.05 12.44 7.64
C ASP A 170 1.31 12.44 6.12
N GLN A 171 0.70 11.47 5.43
CA GLN A 171 0.79 11.41 3.98
C GLN A 171 0.33 12.73 3.38
N GLN A 172 -0.76 13.28 3.89
CA GLN A 172 -1.33 14.50 3.30
C GLN A 172 -0.44 15.72 3.47
N LEU A 173 0.19 15.83 4.63
CA LEU A 173 1.11 16.91 4.86
C LEU A 173 2.33 16.78 3.94
N ALA A 174 2.65 15.54 3.56
CA ALA A 174 3.78 15.31 2.67
C ALA A 174 3.45 15.67 1.22
N LEU A 175 2.25 15.33 0.76
CA LEU A 175 1.79 15.77 -0.56
C LEU A 175 1.82 17.30 -0.64
N GLN A 176 1.47 17.91 0.49
CA GLN A 176 1.55 19.35 0.68
C GLN A 176 2.98 19.87 0.52
N TRP A 177 3.94 19.18 1.15
CA TRP A 177 5.34 19.55 1.06
C TRP A 177 5.79 19.56 -0.41
N VAL A 178 5.41 18.54 -1.16
CA VAL A 178 5.69 18.51 -2.59
C VAL A 178 5.09 19.71 -3.31
N GLN A 179 3.84 20.05 -2.99
CA GLN A 179 3.19 21.23 -3.56
C GLN A 179 4.00 22.54 -3.40
N LYS A 180 4.48 22.78 -2.18
CA LYS A 180 5.22 24.00 -1.89
C LYS A 180 6.72 23.94 -2.18
N ASN A 181 7.27 22.74 -2.39
CA ASN A 181 8.72 22.64 -2.46
C ASN A 181 9.32 22.02 -3.72
N ILE A 182 8.55 21.21 -4.42
CA ILE A 182 9.11 20.40 -5.49
C ILE A 182 9.64 21.22 -6.70
N ALA A 183 9.11 22.43 -6.89
CA ALA A 183 9.55 23.25 -8.01
C ALA A 183 11.00 23.66 -7.82
N ALA A 184 11.43 23.76 -6.57
CA ALA A 184 12.82 24.10 -6.27
C ALA A 184 13.77 22.97 -6.62
N PHE A 185 13.24 21.75 -6.70
CA PHE A 185 13.96 20.54 -7.10
C PHE A 185 13.71 20.24 -8.59
N GLY A 186 13.11 21.18 -9.30
CA GLY A 186 12.84 21.02 -10.71
C GLY A 186 11.58 20.22 -11.00
N GLY A 187 10.71 20.11 -10.00
CA GLY A 187 9.50 19.33 -10.15
C GLY A 187 8.32 20.19 -10.56
N ASN A 188 7.33 19.56 -11.19
CA ASN A 188 6.08 20.23 -11.56
C ASN A 188 4.93 19.86 -10.62
N PRO A 189 4.61 20.76 -9.67
CA PRO A 189 3.55 20.51 -8.69
C PRO A 189 2.19 20.24 -9.35
N LYS A 190 2.03 20.69 -10.60
CA LYS A 190 0.81 20.42 -11.35
C LYS A 190 0.81 19.04 -12.02
N SER A 191 1.90 18.29 -11.86
CA SER A 191 1.96 16.96 -12.44
C SER A 191 2.49 15.97 -11.44
N VAL A 192 1.64 15.63 -10.48
CA VAL A 192 1.98 14.73 -9.39
C VAL A 192 1.10 13.49 -9.48
N THR A 193 1.72 12.32 -9.51
CA THR A 193 0.97 11.08 -9.50
C THR A 193 1.25 10.31 -8.22
N LEU A 194 0.20 10.03 -7.44
CA LEU A 194 0.36 9.18 -6.27
C LEU A 194 0.38 7.76 -6.79
N PHE A 195 1.29 6.95 -6.23
CA PHE A 195 1.23 5.51 -6.40
C PHE A 195 1.60 4.79 -5.11
N GLY A 196 1.05 3.60 -4.92
CA GLY A 196 1.22 2.84 -3.69
C GLY A 196 0.72 1.41 -3.83
N GLU A 197 1.06 0.56 -2.86
CA GLU A 197 0.71 -0.86 -2.94
C GLU A 197 0.09 -1.38 -1.62
N SER A 198 -0.91 -2.27 -1.73
CA SER A 198 -1.63 -2.80 -0.53
C SER A 198 -2.28 -1.63 0.24
N ALA A 199 -1.96 -1.49 1.52
CA ALA A 199 -2.45 -0.38 2.32
C ALA A 199 -2.04 0.96 1.72
N GLY A 200 -0.91 0.95 1.01
CA GLY A 200 -0.47 2.12 0.27
C GLY A 200 -1.48 2.45 -0.81
N ALA A 201 -1.85 1.43 -1.59
CA ALA A 201 -2.86 1.57 -2.63
C ALA A 201 -4.22 1.98 -2.04
N ALA A 202 -4.61 1.32 -0.95
CA ALA A 202 -5.82 1.77 -0.26
C ALA A 202 -5.67 3.21 0.24
N SER A 203 -4.46 3.61 0.63
CA SER A 203 -4.28 4.99 1.03
C SER A 203 -4.53 5.93 -0.15
N VAL A 204 -3.97 5.56 -1.30
CA VAL A 204 -4.10 6.38 -2.49
C VAL A 204 -5.58 6.56 -2.79
N SER A 205 -6.30 5.44 -2.80
CA SER A 205 -7.74 5.48 -3.04
C SER A 205 -8.46 6.43 -2.06
N LEU A 206 -8.01 6.47 -0.80
CA LEU A 206 -8.64 7.38 0.17
C LEU A 206 -8.34 8.85 -0.11
N HIS A 207 -7.15 9.14 -0.62
CA HIS A 207 -6.82 10.50 -1.05
C HIS A 207 -7.72 10.98 -2.20
N LEU A 208 -8.18 10.03 -3.02
CA LEU A 208 -9.16 10.30 -4.04
C LEU A 208 -10.49 10.76 -3.43
N LEU A 209 -10.78 10.34 -2.20
CA LEU A 209 -12.07 10.71 -1.62
C LEU A 209 -11.95 11.90 -0.68
N SER A 210 -10.74 12.19 -0.23
CA SER A 210 -10.56 13.22 0.78
C SER A 210 -10.42 14.61 0.16
N PRO A 211 -11.40 15.49 0.45
CA PRO A 211 -11.41 16.84 -0.12
C PRO A 211 -10.10 17.60 0.13
N GLY A 212 -9.48 17.36 1.28
CA GLY A 212 -8.20 17.97 1.60
C GLY A 212 -7.06 17.47 0.72
N SER A 213 -7.28 16.36 0.02
CA SER A 213 -6.25 15.85 -0.89
C SER A 213 -6.47 16.23 -2.35
N HIS A 214 -7.69 16.67 -2.70
CA HIS A 214 -8.08 16.92 -4.09
CA HIS A 214 -8.02 16.85 -4.10
C HIS A 214 -7.07 17.76 -4.86
N SER A 215 -6.61 18.84 -4.24
CA SER A 215 -5.76 19.80 -4.96
C SER A 215 -4.28 19.45 -4.86
N LEU A 216 -3.96 18.34 -4.19
CA LEU A 216 -2.58 17.98 -3.86
C LEU A 216 -1.96 16.99 -4.83
N PHE A 217 -2.74 16.53 -5.80
CA PHE A 217 -2.24 15.60 -6.82
C PHE A 217 -3.09 15.60 -8.09
N THR A 218 -2.64 14.88 -9.10
CA THR A 218 -3.28 14.91 -10.41
C THR A 218 -3.91 13.56 -10.73
N ARG A 219 -3.10 12.51 -10.63
CA ARG A 219 -3.50 11.16 -10.99
C ARG A 219 -3.12 10.13 -9.93
N ALA A 220 -3.54 8.89 -10.16
CA ALA A 220 -3.43 7.86 -9.13
C ALA A 220 -3.23 6.45 -9.72
N ILE A 221 -2.35 5.70 -9.06
CA ILE A 221 -2.01 4.34 -9.43
C ILE A 221 -2.22 3.48 -8.18
N LEU A 222 -3.03 2.43 -8.27
CA LEU A 222 -3.34 1.60 -7.10
C LEU A 222 -2.90 0.16 -7.31
N GLN A 223 -1.80 -0.22 -6.67
CA GLN A 223 -1.30 -1.58 -6.80
C GLN A 223 -1.79 -2.54 -5.69
N SER A 224 -2.57 -3.56 -6.06
CA SER A 224 -3.13 -4.52 -5.10
C SER A 224 -3.75 -3.87 -3.86
N GLY A 225 -4.72 -2.99 -4.04
CA GLY A 225 -5.32 -2.38 -2.87
C GLY A 225 -6.32 -1.28 -3.16
N SER A 226 -7.38 -1.23 -2.36
CA SER A 226 -8.31 -0.12 -2.43
C SER A 226 -9.09 -0.03 -1.11
N PHE A 227 -9.71 1.12 -0.86
CA PHE A 227 -10.33 1.35 0.43
C PHE A 227 -11.51 0.42 0.67
N ASN A 228 -12.13 -0.09 -0.40
CA ASN A 228 -13.32 -0.95 -0.27
C ASN A 228 -12.91 -2.39 0.04
N ALA A 229 -11.62 -2.63 0.21
CA ALA A 229 -11.13 -3.93 0.67
C ALA A 229 -11.57 -4.15 2.13
N PRO A 230 -11.88 -5.39 2.52
CA PRO A 230 -12.52 -5.57 3.82
C PRO A 230 -11.60 -5.24 5.01
N TRP A 231 -10.29 -5.28 4.79
CA TRP A 231 -9.30 -4.94 5.82
C TRP A 231 -9.01 -3.42 5.88
N ALA A 232 -9.56 -2.65 4.94
CA ALA A 232 -9.13 -1.27 4.72
C ALA A 232 -9.71 -0.20 5.66
N VAL A 233 -10.98 -0.31 6.00
CA VAL A 233 -11.57 0.73 6.83
C VAL A 233 -12.25 0.17 8.07
N THR A 234 -11.77 0.58 9.23
CA THR A 234 -12.38 0.28 10.54
C THR A 234 -13.66 1.11 10.80
N SER A 235 -14.70 0.49 11.35
CA SER A 235 -15.92 1.20 11.70
C SER A 235 -15.74 2.03 12.97
N LEU A 236 -16.60 3.01 13.16
CA LEU A 236 -16.55 3.86 14.35
C LEU A 236 -16.77 3.04 15.61
N TYR A 237 -17.71 2.10 15.53
CA TYR A 237 -18.02 1.25 16.68
C TYR A 237 -16.84 0.38 17.09
N GLU A 238 -16.11 -0.19 16.13
CA GLU A 238 -15.04 -1.08 16.55
C GLU A 238 -13.68 -0.39 16.74
N ALA A 239 -13.51 0.82 16.21
CA ALA A 239 -12.33 1.61 16.57
C ALA A 239 -12.46 2.03 18.03
N ARG A 240 -13.69 2.33 18.43
CA ARG A 240 -13.98 2.69 19.80
C ARG A 240 -13.62 1.55 20.74
N ASN A 241 -14.10 0.33 20.45
CA ASN A 241 -13.86 -0.81 21.34
C ASN A 241 -12.36 -1.03 21.47
N ARG A 242 -11.66 -0.84 20.34
CA ARG A 242 -10.21 -1.07 20.28
C ARG A 242 -9.38 -0.05 21.08
N THR A 243 -9.69 1.23 20.91
CA THR A 243 -9.07 2.26 21.72
C THR A 243 -9.28 1.98 23.22
N LEU A 244 -10.49 1.57 23.59
CA LEU A 244 -10.78 1.26 25.00
C LEU A 244 -10.03 0.03 25.47
N ASN A 245 -10.05 -1.02 24.65
CA ASN A 245 -9.37 -2.26 24.98
C ASN A 245 -7.88 -2.04 25.15
N LEU A 246 -7.30 -1.23 24.27
CA LEU A 246 -5.92 -0.82 24.40
C LEU A 246 -5.70 -0.15 25.76
N ALA A 247 -6.66 0.67 26.19
CA ALA A 247 -6.59 1.35 27.48
C ALA A 247 -6.64 0.39 28.67
N LYS A 248 -7.50 -0.62 28.60
CA LYS A 248 -7.58 -1.58 29.72
C LYS A 248 -6.27 -2.36 29.82
N LEU A 249 -5.80 -2.88 28.69
CA LEU A 249 -4.58 -3.66 28.62
C LEU A 249 -3.37 -2.92 29.15
N THR A 250 -3.37 -1.62 28.91
CA THR A 250 -2.24 -0.78 29.22
C THR A 250 -2.46 -0.12 30.58
N GLY A 251 -3.57 -0.46 31.21
CA GLY A 251 -3.92 0.12 32.49
C GLY A 251 -4.24 1.61 32.45
N CYS A 252 -4.77 2.09 31.33
CA CYS A 252 -5.06 3.51 31.17
C CYS A 252 -6.54 3.83 31.16
N SER A 253 -7.36 2.84 31.47
CA SER A 253 -8.80 3.05 31.52
C SER A 253 -9.14 4.21 32.45
N ARG A 254 -9.66 5.27 31.87
CA ARG A 254 -10.14 6.41 32.65
C ARG A 254 -11.61 6.63 32.30
N GLU A 255 -12.17 7.70 32.83
CA GLU A 255 -13.58 8.03 32.62
C GLU A 255 -13.67 9.20 31.65
N ASN A 256 -12.80 10.18 31.87
CA ASN A 256 -12.63 11.30 30.97
C ASN A 256 -11.79 10.81 29.80
N GLU A 257 -12.39 10.79 28.61
CA GLU A 257 -11.70 10.27 27.43
C GLU A 257 -10.36 10.94 27.17
N THR A 258 -10.29 12.24 27.39
CA THR A 258 -9.07 12.99 27.17
C THR A 258 -7.98 12.51 28.13
N GLU A 259 -8.41 12.14 29.34
CA GLU A 259 -7.49 11.59 30.34
C GLU A 259 -6.93 10.23 29.93
N ILE A 260 -7.74 9.44 29.22
CA ILE A 260 -7.26 8.17 28.70
C ILE A 260 -6.10 8.40 27.74
N ILE A 261 -6.26 9.40 26.87
CA ILE A 261 -5.22 9.75 25.92
C ILE A 261 -3.97 10.25 26.62
N LYS A 262 -4.15 11.11 27.61
CA LYS A 262 -3.03 11.64 28.39
C LYS A 262 -2.26 10.51 29.06
N CYS A 263 -3.00 9.49 29.51
CA CYS A 263 -2.40 8.32 30.13
C CYS A 263 -1.59 7.54 29.09
N LEU A 264 -2.21 7.30 27.94
CA LEU A 264 -1.56 6.62 26.84
C LEU A 264 -0.32 7.34 26.34
N ARG A 265 -0.26 8.66 26.53
CA ARG A 265 0.89 9.44 26.14
C ARG A 265 2.12 9.22 27.04
N ASN A 266 1.91 8.75 28.27
CA ASN A 266 3.04 8.49 29.17
C ASN A 266 3.41 7.03 29.21
N LYS A 267 3.35 6.39 28.05
CA LYS A 267 3.72 4.99 27.93
C LYS A 267 4.88 4.88 26.96
N ASP A 268 5.75 3.90 27.19
CA ASP A 268 6.76 3.56 26.21
C ASP A 268 6.05 2.98 25.00
N PRO A 269 6.51 3.35 23.79
CA PRO A 269 5.93 2.80 22.56
C PRO A 269 5.88 1.27 22.59
N GLN A 270 6.87 0.63 23.23
CA GLN A 270 6.89 -0.83 23.33
CA GLN A 270 6.91 -0.82 23.35
C GLN A 270 5.66 -1.36 24.03
N GLU A 271 5.27 -0.70 25.13
CA GLU A 271 4.08 -1.12 25.87
C GLU A 271 2.83 -1.01 25.02
N ILE A 272 2.79 0.01 24.15
CA ILE A 272 1.66 0.19 23.25
C ILE A 272 1.74 -0.77 22.06
N LEU A 273 2.95 -0.98 21.54
CA LEU A 273 3.13 -1.94 20.46
C LEU A 273 2.76 -3.38 20.88
N LEU A 274 3.10 -3.73 22.11
CA LEU A 274 2.92 -5.11 22.54
C LEU A 274 1.47 -5.43 22.89
N ASN A 275 0.66 -4.40 23.11
CA ASN A 275 -0.75 -4.60 23.41
C ASN A 275 -1.68 -4.47 22.20
N GLU A 276 -1.19 -3.83 21.14
CA GLU A 276 -1.96 -3.60 19.91
C GLU A 276 -2.70 -4.83 19.40
N ALA A 277 -2.04 -5.98 19.49
CA ALA A 277 -2.54 -7.22 18.90
C ALA A 277 -3.74 -7.82 19.63
N PHE A 278 -3.96 -7.41 20.87
CA PHE A 278 -4.99 -8.02 21.71
C PHE A 278 -6.21 -7.13 21.90
N VAL A 279 -6.31 -6.03 21.15
CA VAL A 279 -7.48 -5.16 21.24
C VAL A 279 -8.67 -5.78 20.52
N VAL A 280 -8.47 -6.98 20.00
CA VAL A 280 -9.49 -7.70 19.25
C VAL A 280 -9.59 -9.11 19.84
N PRO A 281 -10.79 -9.71 19.81
CA PRO A 281 -10.98 -11.02 20.45
C PRO A 281 -10.36 -12.16 19.64
N TYR A 282 -10.38 -12.04 18.32
CA TYR A 282 -9.77 -13.04 17.45
C TYR A 282 -9.22 -12.37 16.19
N GLY A 283 -7.97 -12.66 15.87
CA GLY A 283 -7.33 -12.02 14.74
C GLY A 283 -7.07 -12.95 13.58
N THR A 284 -6.71 -12.35 12.44
CA THR A 284 -6.38 -13.13 11.26
C THR A 284 -5.03 -12.60 10.77
N PRO A 285 -4.34 -13.36 9.88
CA PRO A 285 -3.08 -12.86 9.32
C PRO A 285 -3.27 -11.54 8.58
N LEU A 286 -4.54 -11.19 8.30
CA LEU A 286 -4.88 -9.92 7.64
C LEU A 286 -5.56 -8.95 8.57
N SER A 287 -5.38 -9.11 9.88
CA SER A 287 -6.00 -8.20 10.85
C SER A 287 -5.39 -6.82 10.73
N VAL A 288 -6.25 -5.82 10.63
CA VAL A 288 -5.82 -4.43 10.67
C VAL A 288 -6.43 -3.81 11.92
N ASN A 289 -5.70 -3.88 13.02
CA ASN A 289 -6.26 -3.50 14.32
C ASN A 289 -6.46 -2.00 14.44
N PHE A 290 -5.51 -1.24 13.92
CA PHE A 290 -5.65 0.20 13.89
C PHE A 290 -5.41 0.75 12.50
N GLY A 291 -6.51 1.06 11.80
CA GLY A 291 -6.43 1.60 10.46
C GLY A 291 -7.38 2.75 10.23
N PRO A 292 -7.60 3.10 8.96
CA PRO A 292 -8.44 4.27 8.66
C PRO A 292 -9.86 4.18 9.28
N THR A 293 -10.39 5.31 9.72
CA THR A 293 -11.79 5.37 10.13
C THR A 293 -12.46 6.56 9.49
N VAL A 294 -13.78 6.64 9.67
CA VAL A 294 -14.51 7.81 9.24
C VAL A 294 -14.39 8.85 10.33
N ASP A 295 -13.39 9.71 10.20
CA ASP A 295 -13.09 10.70 11.24
C ASP A 295 -13.96 11.97 11.16
N GLY A 296 -14.68 12.15 10.06
CA GLY A 296 -15.42 13.39 9.85
C GLY A 296 -14.50 14.54 9.48
N ASP A 297 -13.30 14.21 9.04
CA ASP A 297 -12.30 15.20 8.66
C ASP A 297 -11.62 14.80 7.35
N PHE A 298 -10.70 13.84 7.41
CA PHE A 298 -10.06 13.32 6.20
C PHE A 298 -11.10 12.58 5.40
N LEU A 299 -11.96 11.86 6.11
CA LEU A 299 -13.05 11.07 5.56
C LEU A 299 -14.33 11.57 6.21
N THR A 300 -15.27 12.05 5.39
CA THR A 300 -16.47 12.72 5.90
C THR A 300 -17.71 11.84 5.94
N ASP A 301 -17.59 10.62 5.44
CA ASP A 301 -18.71 9.68 5.40
C ASP A 301 -18.13 8.29 5.11
N MET A 302 -18.94 7.24 5.20
CA MET A 302 -18.47 5.92 4.81
C MET A 302 -18.08 5.91 3.34
N PRO A 303 -16.85 5.46 3.05
CA PRO A 303 -16.29 5.63 1.71
C PRO A 303 -17.00 4.78 0.63
N ASP A 304 -17.69 3.72 1.02
CA ASP A 304 -18.48 2.97 0.06
C ASP A 304 -19.62 3.83 -0.49
N ILE A 305 -20.18 4.69 0.35
CA ILE A 305 -21.23 5.61 -0.10
C ILE A 305 -20.67 6.69 -1.04
N LEU A 306 -19.55 7.30 -0.66
CA LEU A 306 -18.91 8.34 -1.48
C LEU A 306 -18.57 7.82 -2.89
N LEU A 307 -17.98 6.63 -2.94
CA LEU A 307 -17.67 5.93 -4.18
C LEU A 307 -18.94 5.71 -4.99
N GLU A 308 -19.92 5.08 -4.37
CA GLU A 308 -21.17 4.72 -5.04
C GLU A 308 -21.86 5.95 -5.63
N LEU A 309 -21.67 7.09 -4.98
CA LEU A 309 -22.40 8.29 -5.32
C LEU A 309 -21.55 9.34 -6.03
N GLY A 310 -20.39 8.91 -6.50
CA GLY A 310 -19.56 9.73 -7.36
C GLY A 310 -18.86 10.88 -6.66
N GLN A 311 -18.64 10.75 -5.37
CA GLN A 311 -18.01 11.82 -4.63
C GLN A 311 -16.52 11.58 -4.46
N PHE A 312 -15.77 11.89 -5.50
CA PHE A 312 -14.32 11.78 -5.48
C PHE A 312 -13.65 12.66 -6.52
N LYS A 313 -12.32 12.72 -6.47
CA LYS A 313 -11.55 13.43 -7.47
C LYS A 313 -11.74 12.79 -8.84
N LYS A 314 -12.16 13.59 -9.81
CA LYS A 314 -12.33 13.13 -11.19
C LYS A 314 -11.01 13.21 -11.95
N THR A 315 -10.43 12.05 -12.25
CA THR A 315 -9.12 11.98 -12.90
C THR A 315 -8.86 10.54 -13.36
N GLN A 316 -7.68 10.29 -13.91
CA GLN A 316 -7.39 8.95 -14.42
C GLN A 316 -6.85 8.09 -13.32
N ILE A 317 -7.21 6.83 -13.33
CA ILE A 317 -6.61 5.87 -12.42
C ILE A 317 -6.04 4.67 -13.17
N LEU A 318 -4.98 4.10 -12.59
CA LEU A 318 -4.38 2.89 -13.07
C LEU A 318 -4.42 1.91 -11.90
N VAL A 319 -5.10 0.79 -12.11
CA VAL A 319 -5.37 -0.17 -11.05
C VAL A 319 -4.95 -1.55 -11.51
N GLY A 320 -4.48 -2.38 -10.58
CA GLY A 320 -4.17 -3.75 -10.91
C GLY A 320 -3.89 -4.65 -9.73
N VAL A 321 -3.74 -5.94 -10.03
CA VAL A 321 -3.49 -6.94 -8.99
C VAL A 321 -2.57 -8.02 -9.56
N ASN A 322 -2.03 -8.85 -8.67
CA ASN A 322 -1.18 -9.96 -9.05
C ASN A 322 -1.98 -11.25 -9.05
N LYS A 323 -1.53 -12.23 -9.83
CA LYS A 323 -2.26 -13.49 -10.04
C LYS A 323 -2.49 -14.32 -8.76
N ASP A 324 -1.54 -14.27 -7.83
CA ASP A 324 -1.70 -15.04 -6.59
C ASP A 324 -1.58 -14.20 -5.31
N GLU A 325 -2.38 -13.13 -5.24
CA GLU A 325 -2.39 -12.25 -4.06
C GLU A 325 -2.47 -12.95 -2.68
N GLY A 326 -3.31 -13.96 -2.56
CA GLY A 326 -3.58 -14.57 -1.26
C GLY A 326 -2.56 -15.54 -0.68
N THR A 327 -1.60 -15.99 -1.48
CA THR A 327 -0.72 -17.08 -1.05
C THR A 327 0.15 -16.70 0.14
N ALA A 328 0.66 -15.48 0.10
CA ALA A 328 1.52 -14.93 1.14
C ALA A 328 0.98 -15.14 2.56
N PHE A 329 -0.34 -15.03 2.69
CA PHE A 329 -0.95 -15.02 4.02
C PHE A 329 -1.26 -16.42 4.55
N LEU A 330 -1.26 -17.42 3.68
CA LEU A 330 -1.55 -18.79 4.11
C LEU A 330 -0.50 -19.40 5.05
N VAL A 331 0.75 -18.92 5.00
CA VAL A 331 1.79 -19.47 5.88
C VAL A 331 1.95 -18.73 7.21
N TYR A 332 1.06 -17.76 7.47
CA TYR A 332 1.03 -17.07 8.75
C TYR A 332 -0.16 -17.51 9.60
N GLY A 333 -0.56 -18.77 9.49
CA GLY A 333 -1.66 -19.24 10.31
C GLY A 333 -2.37 -20.51 9.87
N ALA A 334 -2.57 -20.67 8.56
CA ALA A 334 -3.32 -21.80 8.00
C ALA A 334 -2.66 -23.17 8.23
N PRO A 335 -3.38 -24.07 8.92
CA PRO A 335 -2.88 -25.42 9.22
C PRO A 335 -2.53 -26.20 7.96
N GLY A 336 -1.41 -26.92 7.97
CA GLY A 336 -0.96 -27.71 6.84
C GLY A 336 -0.15 -26.93 5.84
N PHE A 337 -0.09 -25.62 6.02
CA PHE A 337 0.68 -24.73 5.13
C PHE A 337 2.09 -24.44 5.66
N SER A 338 3.05 -24.48 4.74
CA SER A 338 4.43 -24.15 5.05
C SER A 338 5.16 -23.67 3.81
N LYS A 339 6.11 -22.76 3.99
CA LYS A 339 6.94 -22.33 2.86
C LYS A 339 7.95 -23.42 2.50
N ASP A 340 8.11 -24.40 3.39
CA ASP A 340 9.18 -25.39 3.25
C ASP A 340 8.73 -26.72 2.62
N ASN A 341 7.44 -26.88 2.35
CA ASN A 341 6.91 -28.03 1.60
C ASN A 341 5.77 -27.62 0.66
N ASN A 342 5.29 -28.55 -0.16
CA ASN A 342 4.32 -28.18 -1.19
C ASN A 342 2.91 -27.89 -0.68
N SER A 343 2.69 -28.05 0.62
CA SER A 343 1.45 -27.61 1.25
C SER A 343 0.17 -28.26 0.70
N ILE A 344 0.27 -29.51 0.27
CA ILE A 344 -0.92 -30.26 -0.10
C ILE A 344 -1.79 -30.44 1.13
N ILE A 345 -2.92 -29.77 1.19
CA ILE A 345 -3.80 -29.88 2.33
C ILE A 345 -5.06 -30.65 1.99
N THR A 346 -5.78 -31.07 3.03
CA THR A 346 -7.00 -31.83 2.87
C THR A 346 -8.26 -30.96 2.98
N ARG A 347 -9.42 -31.56 2.73
CA ARG A 347 -10.69 -30.86 2.86
C ARG A 347 -10.88 -30.32 4.27
N LYS A 348 -10.45 -31.11 5.26
CA LYS A 348 -10.56 -30.70 6.66
C LYS A 348 -9.60 -29.56 6.99
N GLU A 349 -8.44 -29.55 6.34
CA GLU A 349 -7.48 -28.47 6.57
C GLU A 349 -7.96 -27.19 5.89
N PHE A 350 -8.67 -27.35 4.79
CA PHE A 350 -9.27 -26.22 4.10
C PHE A 350 -10.37 -25.60 4.95
N GLN A 351 -11.24 -26.45 5.50
CA GLN A 351 -12.33 -25.95 6.33
C GLN A 351 -11.78 -25.22 7.56
N GLU A 352 -10.79 -25.84 8.22
CA GLU A 352 -10.12 -25.22 9.36
C GLU A 352 -9.48 -23.92 8.93
N GLY A 353 -8.98 -23.90 7.70
CA GLY A 353 -8.37 -22.70 7.15
C GLY A 353 -9.34 -21.53 7.03
N LEU A 354 -10.60 -21.83 6.78
CA LEU A 354 -11.58 -20.75 6.70
C LEU A 354 -11.84 -20.17 8.08
N LYS A 355 -11.85 -21.02 9.10
CA LYS A 355 -12.01 -20.55 10.48
C LYS A 355 -10.92 -19.53 10.84
N ILE A 356 -9.70 -19.80 10.40
CA ILE A 356 -8.58 -18.88 10.57
C ILE A 356 -8.84 -17.56 9.85
N PHE A 357 -9.20 -17.65 8.59
CA PHE A 357 -9.40 -16.45 7.78
C PHE A 357 -10.78 -15.78 7.94
N PHE A 358 -11.80 -16.51 8.40
CA PHE A 358 -13.12 -15.91 8.57
C PHE A 358 -13.74 -16.24 9.94
N PRO A 359 -13.07 -15.82 11.02
CA PRO A 359 -13.40 -16.26 12.38
C PRO A 359 -14.78 -15.84 12.82
N GLY A 360 -15.15 -14.61 12.48
CA GLY A 360 -16.41 -14.03 12.94
C GLY A 360 -17.62 -14.31 12.08
N VAL A 361 -17.46 -15.05 10.99
CA VAL A 361 -18.60 -15.32 10.12
C VAL A 361 -19.32 -16.61 10.49
N SER A 362 -20.59 -16.71 10.10
CA SER A 362 -21.41 -17.86 10.49
C SER A 362 -20.97 -19.21 9.92
N GLU A 363 -21.54 -20.27 10.46
CA GLU A 363 -21.32 -21.60 9.93
C GLU A 363 -21.71 -21.64 8.44
N PHE A 364 -22.84 -21.01 8.12
CA PHE A 364 -23.38 -20.95 6.76
C PHE A 364 -22.51 -20.12 5.82
N GLY A 365 -21.92 -19.07 6.37
CA GLY A 365 -21.04 -18.22 5.59
C GLY A 365 -19.79 -18.96 5.15
N LYS A 366 -19.11 -19.63 6.09
CA LYS A 366 -17.92 -20.41 5.77
C LYS A 366 -18.28 -21.51 4.78
N GLU A 367 -19.51 -22.00 4.87
CA GLU A 367 -19.89 -23.12 4.02
C GLU A 367 -20.14 -22.64 2.60
N SER A 368 -20.72 -21.45 2.47
CA SER A 368 -21.00 -20.88 1.16
C SER A 368 -19.70 -20.64 0.39
N ILE A 369 -18.66 -20.22 1.09
CA ILE A 369 -17.34 -20.10 0.47
C ILE A 369 -16.87 -21.46 -0.02
N LEU A 370 -17.02 -22.47 0.83
CA LEU A 370 -16.56 -23.79 0.49
C LEU A 370 -17.28 -24.26 -0.77
N PHE A 371 -18.59 -24.05 -0.80
CA PHE A 371 -19.42 -24.51 -1.91
C PHE A 371 -19.05 -23.87 -3.23
N HIS A 372 -18.69 -22.58 -3.20
CA HIS A 372 -18.31 -21.82 -4.40
CA HIS A 372 -18.35 -21.89 -4.43
C HIS A 372 -16.92 -22.16 -4.94
N TYR A 373 -16.00 -22.48 -4.04
CA TYR A 373 -14.61 -22.70 -4.44
C TYR A 373 -14.15 -24.16 -4.56
N THR A 374 -15.04 -25.10 -4.29
CA THR A 374 -14.63 -26.51 -4.31
C THR A 374 -15.47 -27.35 -5.24
N ASP A 375 -16.21 -26.72 -6.13
CA ASP A 375 -16.87 -27.46 -7.19
C ASP A 375 -15.92 -27.58 -8.37
N TRP A 376 -15.17 -28.68 -8.41
CA TRP A 376 -14.12 -28.83 -9.42
C TRP A 376 -14.19 -30.09 -10.28
N VAL A 377 -13.13 -30.23 -11.08
CA VAL A 377 -13.01 -31.25 -12.10
C VAL A 377 -11.60 -31.88 -12.09
N ASP A 378 -11.55 -33.20 -11.96
CA ASP A 378 -10.31 -33.99 -12.03
C ASP A 378 -9.27 -33.68 -10.96
N ASP A 379 -9.40 -34.29 -9.77
CA ASP A 379 -10.62 -34.95 -9.31
C ASP A 379 -10.95 -34.68 -7.83
N GLN A 380 -10.10 -35.02 -6.83
CA GLN A 380 -8.80 -35.74 -6.85
C GLN A 380 -7.54 -35.16 -7.56
N ARG A 381 -7.46 -33.84 -7.69
CA ARG A 381 -6.18 -33.15 -7.91
C ARG A 381 -5.72 -32.76 -6.50
N PRO A 382 -4.51 -33.19 -6.12
CA PRO A 382 -4.04 -33.07 -4.73
C PRO A 382 -3.93 -31.61 -4.26
N GLU A 383 -3.68 -30.70 -5.19
CA GLU A 383 -3.47 -29.31 -4.83
C GLU A 383 -4.76 -28.49 -4.84
N ASN A 384 -5.87 -29.14 -5.16
CA ASN A 384 -7.18 -28.48 -5.23
C ASN A 384 -7.47 -27.55 -4.07
N TYR A 385 -7.42 -28.10 -2.86
CA TYR A 385 -7.73 -27.34 -1.66
C TYR A 385 -6.68 -26.28 -1.36
N ARG A 386 -5.42 -26.60 -1.67
CA ARG A 386 -4.32 -25.65 -1.54
C ARG A 386 -4.56 -24.43 -2.43
N GLU A 387 -4.82 -24.66 -3.71
CA GLU A 387 -5.03 -23.57 -4.68
C GLU A 387 -6.26 -22.77 -4.29
N ALA A 388 -7.32 -23.49 -3.88
CA ALA A 388 -8.59 -22.86 -3.60
C ALA A 388 -8.53 -21.91 -2.41
N LEU A 389 -7.80 -22.27 -1.35
CA LEU A 389 -7.76 -21.42 -0.17
C LEU A 389 -7.04 -20.12 -0.48
N GLY A 390 -5.89 -20.23 -1.16
CA GLY A 390 -5.18 -19.08 -1.70
C GLY A 390 -6.05 -18.16 -2.56
N ASP A 391 -6.86 -18.76 -3.43
CA ASP A 391 -7.78 -17.98 -4.27
C ASP A 391 -8.89 -17.30 -3.44
N VAL A 392 -9.35 -17.98 -2.39
CA VAL A 392 -10.38 -17.42 -1.51
C VAL A 392 -9.86 -16.14 -0.89
N VAL A 393 -8.64 -16.19 -0.36
CA VAL A 393 -8.06 -15.06 0.34
C VAL A 393 -7.71 -13.95 -0.65
N GLY A 394 -7.19 -14.35 -1.80
CA GLY A 394 -6.85 -13.39 -2.84
C GLY A 394 -8.07 -12.66 -3.36
N ASP A 395 -9.07 -13.42 -3.79
CA ASP A 395 -10.30 -12.83 -4.35
C ASP A 395 -11.03 -11.92 -3.38
N TYR A 396 -11.10 -12.32 -2.12
CA TYR A 396 -11.90 -11.58 -1.14
C TYR A 396 -11.19 -10.32 -0.70
N ASN A 397 -9.89 -10.43 -0.43
CA ASN A 397 -9.13 -9.33 0.14
C ASN A 397 -8.56 -8.31 -0.82
N PHE A 398 -8.40 -8.68 -2.09
CA PHE A 398 -7.65 -7.83 -3.00
C PHE A 398 -8.29 -7.68 -4.36
N ILE A 399 -8.39 -8.80 -5.09
CA ILE A 399 -8.80 -8.76 -6.47
C ILE A 399 -10.22 -8.21 -6.68
N CYS A 400 -11.22 -8.85 -6.06
CA CYS A 400 -12.58 -8.35 -6.19
C CYS A 400 -12.81 -6.89 -5.74
N PRO A 401 -12.24 -6.46 -4.59
CA PRO A 401 -12.44 -5.04 -4.25
C PRO A 401 -11.74 -4.09 -5.24
N ALA A 402 -10.61 -4.48 -5.80
CA ALA A 402 -9.91 -3.65 -6.79
C ALA A 402 -10.74 -3.50 -8.08
N LEU A 403 -11.20 -4.62 -8.60
CA LEU A 403 -12.11 -4.63 -9.74
C LEU A 403 -13.37 -3.79 -9.47
N GLU A 404 -13.98 -4.00 -8.30
CA GLU A 404 -15.22 -3.31 -7.96
C GLU A 404 -15.01 -1.79 -7.88
N PHE A 405 -13.93 -1.39 -7.20
CA PHE A 405 -13.53 -0.01 -7.14
C PHE A 405 -13.43 0.61 -8.54
N THR A 406 -12.74 -0.10 -9.43
CA THR A 406 -12.48 0.37 -10.77
C THR A 406 -13.77 0.56 -11.60
N LYS A 407 -14.69 -0.40 -11.50
CA LYS A 407 -15.97 -0.27 -12.20
C LYS A 407 -16.66 0.97 -11.70
N LYS A 408 -16.67 1.13 -10.37
CA LYS A 408 -17.46 2.20 -9.80
C LYS A 408 -16.87 3.55 -10.15
N PHE A 409 -15.55 3.66 -10.00
CA PHE A 409 -14.87 4.89 -10.37
C PHE A 409 -15.11 5.23 -11.84
N SER A 410 -14.95 4.25 -12.73
CA SER A 410 -15.05 4.51 -14.16
C SER A 410 -16.46 4.93 -14.55
N GLU A 411 -17.44 4.54 -13.76
CA GLU A 411 -18.84 4.83 -14.10
C GLU A 411 -19.14 6.32 -14.13
N TRP A 412 -18.22 7.12 -13.60
CA TRP A 412 -18.41 8.58 -13.57
C TRP A 412 -17.58 9.31 -14.61
N GLY A 413 -17.26 8.62 -15.70
CA GLY A 413 -16.72 9.28 -16.88
C GLY A 413 -15.22 9.23 -17.09
N ASN A 414 -14.46 8.97 -16.03
CA ASN A 414 -13.00 8.98 -16.12
C ASN A 414 -12.37 7.73 -16.73
N ASN A 415 -11.32 7.93 -17.50
CA ASN A 415 -10.50 6.84 -17.99
C ASN A 415 -9.84 6.08 -16.84
N ALA A 416 -9.92 4.76 -16.92
CA ALA A 416 -9.32 3.89 -15.95
C ALA A 416 -8.59 2.79 -16.71
N PHE A 417 -7.51 2.29 -16.15
CA PHE A 417 -6.75 1.23 -16.79
C PHE A 417 -6.48 0.12 -15.79
N PHE A 418 -6.84 -1.11 -16.17
CA PHE A 418 -6.65 -2.26 -15.28
C PHE A 418 -5.61 -3.26 -15.79
N TYR A 419 -4.75 -3.74 -14.89
CA TYR A 419 -3.76 -4.77 -15.24
C TYR A 419 -3.89 -6.01 -14.38
N TYR A 420 -3.31 -7.09 -14.87
CA TYR A 420 -3.24 -8.36 -14.17
C TYR A 420 -1.78 -8.81 -14.30
N PHE A 421 -1.01 -8.63 -13.24
CA PHE A 421 0.39 -8.99 -13.21
C PHE A 421 0.52 -10.51 -13.00
N GLU A 422 1.13 -11.19 -13.98
CA GLU A 422 1.22 -12.66 -14.02
C GLU A 422 2.63 -13.22 -13.94
N HIS A 423 3.61 -12.39 -13.60
CA HIS A 423 5.00 -12.88 -13.62
C HIS A 423 5.55 -13.18 -12.23
N ARG A 424 5.99 -14.42 -12.02
CA ARG A 424 6.71 -14.76 -10.81
C ARG A 424 8.19 -14.52 -11.00
N SER A 425 8.75 -13.61 -10.22
CA SER A 425 10.18 -13.28 -10.28
C SER A 425 11.10 -14.51 -10.28
N SER A 426 12.20 -14.41 -11.01
CA SER A 426 13.14 -15.53 -11.13
C SER A 426 13.88 -15.72 -9.82
N LYS A 427 13.91 -14.66 -9.01
CA LYS A 427 14.64 -14.66 -7.75
C LYS A 427 13.75 -14.84 -6.51
N LEU A 428 12.45 -15.11 -6.70
CA LEU A 428 11.53 -15.21 -5.56
C LEU A 428 12.00 -16.25 -4.54
N PRO A 429 12.23 -15.81 -3.28
CA PRO A 429 12.75 -16.71 -2.24
C PRO A 429 11.65 -17.65 -1.72
N TRP A 430 10.40 -17.25 -1.86
CA TRP A 430 9.28 -18.12 -1.48
C TRP A 430 9.15 -19.31 -2.46
N PRO A 431 8.49 -20.41 -2.04
CA PRO A 431 8.44 -21.56 -2.95
C PRO A 431 7.46 -21.39 -4.12
N GLU A 432 7.63 -22.25 -5.11
CA GLU A 432 6.88 -22.23 -6.36
C GLU A 432 5.35 -22.21 -6.20
N TRP A 433 4.82 -22.99 -5.27
CA TRP A 433 3.36 -23.15 -5.14
C TRP A 433 2.69 -21.86 -4.74
N MET A 434 3.46 -20.94 -4.17
CA MET A 434 2.90 -19.65 -3.77
C MET A 434 2.73 -18.69 -4.92
N GLY A 435 3.29 -19.03 -6.09
CA GLY A 435 3.03 -18.31 -7.33
C GLY A 435 3.49 -16.87 -7.44
N VAL A 436 2.68 -16.05 -8.11
CA VAL A 436 2.94 -14.62 -8.33
C VAL A 436 2.42 -13.84 -7.13
N MET A 437 3.27 -13.67 -6.14
CA MET A 437 2.81 -13.25 -4.83
C MET A 437 2.46 -11.78 -4.71
N HIS A 438 1.53 -11.52 -3.79
CA HIS A 438 1.28 -10.19 -3.27
C HIS A 438 2.61 -9.47 -3.01
N GLY A 439 2.77 -8.28 -3.61
CA GLY A 439 3.91 -7.43 -3.34
C GLY A 439 5.12 -7.59 -4.25
N TYR A 440 5.09 -8.55 -5.18
CA TYR A 440 6.28 -8.84 -5.96
C TYR A 440 6.22 -8.31 -7.39
N GLU A 441 5.41 -7.28 -7.60
CA GLU A 441 5.43 -6.55 -8.86
C GLU A 441 6.21 -5.28 -8.63
N ILE A 442 6.37 -4.96 -7.36
CA ILE A 442 6.96 -3.71 -6.94
C ILE A 442 8.38 -3.53 -7.46
N GLU A 443 9.18 -4.60 -7.40
CA GLU A 443 10.56 -4.50 -7.84
C GLU A 443 10.60 -4.23 -9.34
N PHE A 444 9.55 -4.64 -10.05
CA PHE A 444 9.47 -4.40 -11.47
C PHE A 444 9.07 -2.96 -11.78
N VAL A 445 8.13 -2.43 -11.00
CA VAL A 445 7.70 -1.04 -11.17
C VAL A 445 8.84 -0.06 -10.89
N PHE A 446 9.62 -0.38 -9.85
CA PHE A 446 10.72 0.46 -9.41
C PHE A 446 12.00 0.23 -10.24
N GLY A 447 11.93 -0.75 -11.14
CA GLY A 447 12.97 -0.93 -12.13
C GLY A 447 14.22 -1.66 -11.65
N LEU A 448 14.08 -2.50 -10.63
CA LEU A 448 15.24 -3.26 -10.16
C LEU A 448 15.85 -4.16 -11.24
N PRO A 449 15.01 -4.88 -12.03
CA PRO A 449 15.59 -5.73 -13.06
C PRO A 449 16.43 -5.01 -14.12
N LEU A 450 16.39 -3.69 -14.15
CA LEU A 450 17.18 -2.94 -15.13
C LEU A 450 18.66 -3.09 -14.82
N GLU A 451 18.97 -3.21 -13.53
CA GLU A 451 20.33 -3.49 -13.07
C GLU A 451 20.69 -4.92 -13.45
N ARG A 452 21.49 -5.07 -14.51
CA ARG A 452 21.77 -6.40 -15.04
C ARG A 452 22.83 -7.19 -14.29
N ARG A 453 23.36 -6.61 -13.22
CA ARG A 453 24.27 -7.37 -12.35
C ARG A 453 23.51 -8.01 -11.19
N ASP A 454 22.19 -7.90 -11.22
CA ASP A 454 21.36 -8.30 -10.08
C ASP A 454 20.69 -9.67 -10.26
N GLN A 455 21.24 -10.49 -11.16
CA GLN A 455 20.76 -11.86 -11.38
C GLN A 455 19.29 -12.00 -11.87
N TYR A 456 18.74 -10.96 -12.50
CA TYR A 456 17.46 -11.14 -13.19
C TYR A 456 17.73 -11.60 -14.61
N THR A 457 16.81 -12.38 -15.18
CA THR A 457 16.87 -12.73 -16.60
C THR A 457 16.70 -11.48 -17.47
N LYS A 458 17.14 -11.58 -18.73
CA LYS A 458 16.91 -10.53 -19.73
C LYS A 458 15.42 -10.23 -19.98
N ALA A 459 14.60 -11.28 -19.95
CA ALA A 459 13.18 -11.14 -20.20
C ALA A 459 12.55 -10.31 -19.11
N GLU A 460 13.14 -10.36 -17.92
CA GLU A 460 12.65 -9.57 -16.80
C GLU A 460 13.10 -8.12 -16.94
N GLU A 461 14.31 -7.93 -17.46
CA GLU A 461 14.80 -6.60 -17.72
C GLU A 461 13.86 -5.90 -18.70
N ILE A 462 13.52 -6.60 -19.78
CA ILE A 462 12.60 -6.06 -20.77
C ILE A 462 11.23 -5.71 -20.18
N LEU A 463 10.62 -6.67 -19.47
CA LEU A 463 9.30 -6.46 -18.85
C LEU A 463 9.29 -5.26 -17.91
N SER A 464 10.32 -5.13 -17.10
CA SER A 464 10.42 -4.04 -16.15
C SER A 464 10.49 -2.72 -16.90
N ARG A 465 11.27 -2.71 -17.99
CA ARG A 465 11.50 -1.53 -18.79
C ARG A 465 10.19 -1.04 -19.41
N SER A 466 9.33 -1.98 -19.77
CA SER A 466 8.04 -1.66 -20.35
C SER A 466 7.08 -1.13 -19.27
N ILE A 467 7.06 -1.80 -18.12
CA ILE A 467 6.25 -1.38 -16.98
C ILE A 467 6.64 0.02 -16.53
N VAL A 468 7.93 0.22 -16.34
CA VAL A 468 8.47 1.53 -15.99
C VAL A 468 8.02 2.57 -17.01
N LYS A 469 8.07 2.22 -18.29
CA LYS A 469 7.62 3.15 -19.31
C LYS A 469 6.10 3.41 -19.24
N ARG A 470 5.32 2.36 -19.04
CA ARG A 470 3.87 2.55 -18.94
C ARG A 470 3.49 3.43 -17.74
N TRP A 471 4.03 3.11 -16.56
CA TRP A 471 3.79 3.91 -15.35
C TRP A 471 4.15 5.37 -15.54
N ALA A 472 5.27 5.60 -16.23
CA ALA A 472 5.80 6.94 -16.38
C ALA A 472 4.92 7.72 -17.35
N ASN A 473 4.48 7.05 -18.41
CA ASN A 473 3.61 7.68 -19.39
C ASN A 473 2.24 7.92 -18.80
N PHE A 474 1.83 7.05 -17.90
CA PHE A 474 0.58 7.29 -17.20
C PHE A 474 0.67 8.55 -16.36
N ALA A 475 1.77 8.68 -15.62
CA ALA A 475 1.96 9.83 -14.75
C ALA A 475 2.07 11.11 -15.57
N LYS A 476 2.87 11.07 -16.63
CA LYS A 476 3.09 12.26 -17.47
C LYS A 476 1.87 12.64 -18.28
N TYR A 477 1.19 11.65 -18.85
CA TYR A 477 0.17 11.95 -19.87
C TYR A 477 -1.18 11.32 -19.61
N GLY A 478 -1.35 10.67 -18.47
CA GLY A 478 -2.60 9.99 -18.17
C GLY A 478 -2.95 8.83 -19.10
N ASN A 479 -1.92 8.22 -19.70
CA ASN A 479 -2.15 7.13 -20.66
C ASN A 479 -0.99 6.12 -20.64
N PRO A 480 -1.23 4.92 -20.08
CA PRO A 480 -0.12 4.01 -19.76
C PRO A 480 0.29 3.16 -20.96
N GLN A 481 0.51 3.81 -22.10
CA GLN A 481 0.95 3.10 -23.30
C GLN A 481 2.48 3.03 -23.34
N GLU A 482 2.99 2.06 -24.10
CA GLU A 482 4.38 2.08 -24.57
C GLU A 482 4.30 2.21 -26.06
N THR A 483 4.61 3.39 -26.60
CA THR A 483 4.29 3.69 -27.99
C THR A 483 5.37 3.32 -29.02
N GLN A 484 6.57 2.99 -28.57
CA GLN A 484 7.70 2.90 -29.50
C GLN A 484 8.06 1.51 -29.99
N ASN A 485 7.77 0.49 -29.20
CA ASN A 485 8.24 -0.84 -29.53
C ASN A 485 7.12 -1.84 -29.81
N ASN A 486 6.35 -1.57 -30.86
CA ASN A 486 5.28 -2.46 -31.32
C ASN A 486 4.48 -3.12 -30.19
N SER A 487 4.08 -2.33 -29.21
CA SER A 487 3.45 -2.87 -28.02
C SER A 487 1.93 -2.98 -28.16
N THR A 488 1.37 -3.87 -27.36
CA THR A 488 -0.07 -4.04 -27.26
C THR A 488 -0.64 -2.76 -26.63
N SER A 489 -1.65 -2.18 -27.27
CA SER A 489 -2.31 -1.02 -26.66
C SER A 489 -3.06 -1.44 -25.41
N TRP A 490 -2.98 -0.60 -24.39
CA TRP A 490 -3.70 -0.85 -23.15
C TRP A 490 -5.00 -0.03 -23.22
N PRO A 491 -6.15 -0.73 -23.29
CA PRO A 491 -7.47 -0.10 -23.47
C PRO A 491 -8.02 0.44 -22.17
N VAL A 492 -8.88 1.46 -22.22
CA VAL A 492 -9.53 1.90 -20.99
C VAL A 492 -10.47 0.81 -20.46
N PHE A 493 -10.57 0.74 -19.15
CA PHE A 493 -11.49 -0.18 -18.52
C PHE A 493 -12.84 0.52 -18.44
N LYS A 494 -13.76 0.14 -19.31
CA LYS A 494 -15.13 0.61 -19.17
C LYS A 494 -15.91 -0.40 -18.34
N SER A 495 -16.99 0.01 -17.69
CA SER A 495 -17.80 -0.99 -17.02
C SER A 495 -18.52 -1.68 -18.16
N THR A 496 -19.16 -2.81 -17.86
CA THR A 496 -19.77 -3.64 -18.91
C THR A 496 -18.76 -4.40 -19.78
N GLU A 497 -17.83 -3.70 -20.45
CA GLU A 497 -16.80 -4.37 -21.25
C GLU A 497 -15.63 -4.90 -20.38
N GLN A 498 -15.15 -4.07 -19.46
CA GLN A 498 -14.19 -4.50 -18.46
C GLN A 498 -12.88 -5.11 -19.00
N LYS A 499 -12.35 -4.52 -20.06
CA LYS A 499 -11.07 -4.97 -20.61
C LYS A 499 -9.93 -4.68 -19.67
N TYR A 500 -8.98 -5.61 -19.58
CA TYR A 500 -7.76 -5.42 -18.78
C TYR A 500 -6.56 -5.97 -19.53
N LEU A 501 -5.36 -5.60 -19.10
CA LEU A 501 -4.13 -5.98 -19.78
C LEU A 501 -3.30 -6.95 -18.90
N THR A 502 -2.87 -8.07 -19.47
CA THR A 502 -1.97 -8.96 -18.73
C THR A 502 -0.52 -8.51 -18.88
N LEU A 503 0.22 -8.62 -17.80
CA LEU A 503 1.64 -8.28 -17.80
C LEU A 503 2.42 -9.55 -17.54
N ASN A 504 3.26 -9.93 -18.51
CA ASN A 504 4.16 -11.06 -18.33
C ASN A 504 5.32 -10.96 -19.32
N THR A 505 6.31 -11.86 -19.16
CA THR A 505 7.52 -11.78 -19.98
C THR A 505 7.35 -12.29 -21.41
N GLU A 506 6.37 -13.15 -21.65
CA GLU A 506 6.19 -13.70 -23.01
C GLU A 506 5.21 -12.91 -23.87
N SER A 507 3.92 -13.02 -23.59
CA SER A 507 2.89 -12.42 -24.42
C SER A 507 1.99 -11.53 -23.59
N THR A 508 1.78 -10.32 -24.06
CA THR A 508 0.91 -9.38 -23.38
C THR A 508 -0.48 -9.34 -24.03
N ARG A 509 -1.52 -9.62 -23.25
CA ARG A 509 -2.86 -9.85 -23.83
C ARG A 509 -3.97 -8.95 -23.26
N ILE A 510 -4.91 -8.59 -24.12
CA ILE A 510 -6.13 -7.95 -23.66
C ILE A 510 -7.14 -9.02 -23.36
N MET A 511 -7.65 -9.02 -22.13
CA MET A 511 -8.71 -9.95 -21.72
C MET A 511 -9.88 -9.16 -21.16
N THR A 512 -10.98 -9.84 -20.85
CA THR A 512 -12.16 -9.19 -20.32
C THR A 512 -12.68 -9.89 -19.07
N LYS A 513 -13.22 -9.10 -18.14
CA LYS A 513 -14.00 -9.60 -17.02
C LYS A 513 -13.24 -10.53 -16.07
N LEU A 514 -12.15 -10.03 -15.50
CA LEU A 514 -11.32 -10.78 -14.55
C LEU A 514 -12.15 -11.33 -13.38
N ARG A 515 -11.97 -12.61 -13.07
CA ARG A 515 -12.67 -13.29 -11.95
C ARG A 515 -14.16 -13.02 -11.86
N ALA A 516 -14.85 -13.04 -13.00
CA ALA A 516 -16.27 -12.69 -13.03
C ALA A 516 -17.13 -13.48 -12.03
N GLN A 517 -17.06 -14.81 -12.11
CA GLN A 517 -17.84 -15.70 -11.25
C GLN A 517 -17.49 -15.50 -9.77
N GLN A 518 -16.19 -15.59 -9.45
CA GLN A 518 -15.72 -15.37 -8.10
C GLN A 518 -16.18 -14.05 -7.52
N CYS A 519 -16.02 -12.97 -8.29
CA CYS A 519 -16.29 -11.65 -7.76
C CYS A 519 -17.79 -11.41 -7.61
N ARG A 520 -18.57 -12.11 -8.43
CA ARG A 520 -20.02 -12.09 -8.26
C ARG A 520 -20.36 -12.67 -6.89
N PHE A 521 -19.67 -13.73 -6.49
CA PHE A 521 -19.89 -14.33 -5.17
C PHE A 521 -19.54 -13.36 -4.05
N TRP A 522 -18.39 -12.70 -4.17
CA TRP A 522 -17.88 -11.87 -3.09
C TRP A 522 -18.64 -10.56 -2.89
N THR A 523 -18.76 -9.77 -3.94
CA THR A 523 -19.26 -8.42 -3.77
C THR A 523 -20.79 -8.36 -3.78
N SER A 524 -21.43 -9.45 -4.19
CA SER A 524 -22.89 -9.48 -4.26
C SER A 524 -23.58 -10.40 -3.24
N PHE A 525 -23.14 -11.66 -3.17
CA PHE A 525 -23.71 -12.61 -2.20
C PHE A 525 -23.15 -12.40 -0.79
N PHE A 526 -21.83 -12.42 -0.67
CA PHE A 526 -21.14 -12.47 0.63
C PHE A 526 -21.36 -11.33 1.66
N PRO A 527 -21.50 -10.06 1.22
CA PRO A 527 -21.72 -8.99 2.21
C PRO A 527 -23.00 -9.16 3.04
N LYS A 528 -23.87 -10.08 2.64
CA LYS A 528 -25.13 -10.28 3.34
C LYS A 528 -25.01 -11.22 4.55
N VAL A 529 -24.01 -12.09 4.56
CA VAL A 529 -23.86 -13.09 5.62
C VAL A 529 -23.50 -12.49 6.99
C1 NAG B . 26.48 18.13 7.01
C2 NAG B . 27.24 18.48 8.29
C3 NAG B . 28.46 19.35 7.96
C4 NAG B . 29.31 18.66 6.90
C5 NAG B . 28.44 18.33 5.68
C6 NAG B . 29.23 17.60 4.60
C7 NAG B . 25.83 18.42 10.26
C8 NAG B . 25.02 19.18 11.28
N2 NAG B . 26.35 19.12 9.25
O3 NAG B . 29.23 19.59 9.12
O4 NAG B . 30.41 19.48 6.54
O5 NAG B . 27.34 17.53 6.06
O6 NAG B . 29.71 16.37 5.09
O7 NAG B . 25.99 17.20 10.40
C1 FUL B . 30.90 15.97 4.37
C2 FUL B . 31.79 17.24 4.07
O2 FUL B . 32.39 17.78 5.25
C3 FUL B . 32.87 16.94 3.00
O3 FUL B . 33.50 18.17 2.59
C4 FUL B . 32.22 16.30 1.77
O4 FUL B . 31.22 17.16 1.22
C5 FUL B . 31.57 14.98 2.22
C6 FUL B . 30.91 14.23 1.07
O5 FUL B . 30.56 15.22 3.23
C1 NAG C . -15.16 -5.30 22.48
C2 NAG C . -15.40 -6.62 21.73
C3 NAG C . -15.89 -7.75 22.65
C4 NAG C . -15.11 -7.82 23.96
C5 NAG C . -15.04 -6.43 24.61
C6 NAG C . -13.59 -6.06 24.86
C7 NAG C . -16.10 -6.63 19.38
C8 NAG C . -16.59 -5.58 18.40
N2 NAG C . -16.37 -6.43 20.67
O3 NAG C . -15.80 -8.99 22.00
O4 NAG C . -15.70 -8.78 24.84
O5 NAG C . -15.65 -5.42 23.80
O6 NAG C . -12.95 -7.04 25.66
O7 NAG C . -15.50 -7.62 18.96
C1 NAG C . -14.82 -9.92 25.12
C2 NAG C . -14.74 -10.24 26.61
C3 NAG C . -13.41 -10.96 26.79
C4 NAG C . -13.53 -12.31 26.07
C5 NAG C . -14.39 -12.31 24.79
C6 NAG C . -15.38 -13.48 24.84
C7 NAG C . -16.07 -8.91 28.06
C8 NAG C . -16.17 -9.28 29.52
N2 NAG C . -14.89 -9.10 27.48
O3 NAG C . -13.10 -11.15 28.16
O4 NAG C . -12.22 -12.77 25.78
O5 NAG C . -15.13 -11.13 24.45
O6 NAG C . -14.72 -14.72 24.92
O7 NAG C . -17.05 -8.47 27.46
C1 FUL C . -11.56 -7.15 25.28
C2 FUL C . -11.24 -8.58 24.77
O2 FUL C . -12.04 -8.97 23.66
C3 FUL C . -9.73 -8.70 24.43
O3 FUL C . -9.38 -10.06 24.13
C4 FUL C . -8.91 -8.27 25.63
O4 FUL C . -9.17 -9.13 26.72
C5 FUL C . -9.29 -6.84 26.02
C6 FUL C . -8.59 -6.36 27.27
O5 FUL C . -10.70 -6.73 26.29
C1 NAG D . 4.45 -29.14 5.62
C2 NAG D . 3.71 -30.45 5.79
C3 NAG D . 2.65 -30.37 6.88
C4 NAG D . 3.11 -29.72 8.18
C5 NAG D . 3.88 -28.46 7.80
C6 NAG D . 4.27 -27.51 8.94
C7 NAG D . 3.32 -31.94 3.93
C8 NAG D . 2.44 -33.12 4.28
N2 NAG D . 3.05 -30.82 4.56
O3 NAG D . 2.33 -31.71 7.10
O4 NAG D . 1.98 -29.25 8.88
O5 NAG D . 4.94 -28.80 6.91
O6 NAG D . 4.91 -28.04 10.10
O7 NAG D . 4.22 -32.02 3.08
C1 NAG D . 1.41 -29.97 10.01
C2 NAG D . 1.79 -31.44 10.23
C3 NAG D . 1.15 -32.02 11.50
C4 NAG D . 0.81 -31.02 12.61
C5 NAG D . 0.68 -29.57 12.17
C6 NAG D . 0.84 -28.63 13.36
C7 NAG D . 0.16 -32.74 8.84
C8 NAG D . -0.61 -32.04 7.77
N2 NAG D . 1.40 -32.26 9.09
O3 NAG D . 1.97 -33.04 12.02
O4 NAG D . -0.43 -31.41 13.17
O5 NAG D . 1.66 -29.25 11.20
O6 NAG D . -0.01 -29.03 14.43
O7 NAG D . -0.33 -33.72 9.40
C1 FUL D . 6.18 -28.68 9.76
C2 FUL D . 6.93 -29.17 10.98
O2 FUL D . 6.07 -29.78 11.95
C3 FUL D . 8.00 -30.17 10.52
O3 FUL D . 8.85 -30.50 11.60
C4 FUL D . 8.88 -29.59 9.36
O4 FUL D . 9.92 -28.77 9.87
C5 FUL D . 8.03 -28.80 8.30
C6 FUL D . 8.85 -27.91 7.36
O5 FUL D . 7.04 -27.95 8.92
UNK UNX E . -9.32 -2.86 9.72
UNK UNX F . -10.90 -4.24 10.71
UNK UNX G . -8.89 -6.97 11.44
UNK UNX H . -10.59 -6.02 11.00
UNK UNX I . -9.34 -6.14 9.56
UNK UNX J . 4.14 -7.15 1.79
UNK UNX K . 3.84 -4.94 1.47
C1 NAG L . 5.57 23.81 -15.87
C2 NAG L . 5.49 25.33 -16.02
C3 NAG L . 4.12 25.89 -15.61
C4 NAG L . 3.01 25.16 -16.36
C5 NAG L . 3.14 23.65 -16.14
C6 NAG L . 2.09 22.91 -16.99
C7 NAG L . 7.78 26.09 -15.75
C8 NAG L . 8.05 27.16 -16.77
N2 NAG L . 6.53 26.00 -15.27
O3 NAG L . 4.05 27.29 -15.85
O4 NAG L . 1.73 25.61 -15.93
O5 NAG L . 4.44 23.17 -16.47
O6 NAG L . 1.57 21.78 -16.31
O7 NAG L . 8.68 25.34 -15.36
C1 NAG M . 12.35 -0.72 -27.09
C2 NAG M . 12.61 -0.85 -25.60
C3 NAG M . 14.09 -1.06 -25.31
C4 NAG M . 14.74 -2.09 -26.27
C5 NAG M . 14.25 -1.91 -27.71
C6 NAG M . 14.77 -3.01 -28.65
C7 NAG M . 11.17 0.26 -23.99
C8 NAG M . 10.84 1.57 -23.31
N2 NAG M . 12.13 0.34 -24.93
O3 NAG M . 14.25 -1.48 -23.97
O4 NAG M . 16.15 -1.95 -26.24
O5 NAG M . 12.84 -1.90 -27.73
O6 NAG M . 14.45 -2.69 -29.99
O7 NAG M . 10.59 -0.78 -23.66
C1 NAG N . -11.84 15.98 31.00
C2 NAG N . -12.81 17.15 30.82
C3 NAG N . -12.19 18.22 29.93
C4 NAG N . -10.77 18.57 30.39
C5 NAG N . -9.94 17.31 30.45
C6 NAG N . -8.47 17.59 30.80
C7 NAG N . -15.00 16.07 31.03
C8 NAG N . -16.16 15.45 30.29
N2 NAG N . -14.06 16.66 30.28
O3 NAG N . -12.99 19.40 29.93
O4 NAG N . -10.19 19.50 29.50
O5 NAG N . -10.54 16.41 31.37
O6 NAG N . -8.34 18.12 32.10
O7 NAG N . -14.95 15.98 32.26
S SO4 O . -10.69 11.36 -18.81
O1 SO4 O . -10.07 12.69 -18.80
O2 SO4 O . -10.54 10.74 -17.48
O3 SO4 O . -10.03 10.53 -19.82
O4 SO4 O . -12.12 11.46 -19.14
S SO4 P . -5.79 -17.56 -13.35
O1 SO4 P . -6.19 -18.60 -12.41
O2 SO4 P . -4.74 -16.74 -12.75
O3 SO4 P . -5.27 -18.18 -14.58
O4 SO4 P . -6.93 -16.72 -13.69
S SO4 Q . -18.07 -32.19 5.14
O1 SO4 Q . -18.09 -32.15 6.60
O2 SO4 Q . -16.72 -31.89 4.65
O3 SO4 Q . -18.47 -33.52 4.65
O4 SO4 Q . -19.01 -31.19 4.64
S SO4 R . -10.62 -15.68 -14.40
O1 SO4 R . -10.33 -14.72 -13.35
O2 SO4 R . -9.36 -16.14 -14.95
O3 SO4 R . -11.36 -16.80 -13.82
O4 SO4 R . -11.42 -15.02 -15.45
S SO4 S . 3.99 -6.57 -25.74
O1 SO4 S . 3.27 -5.65 -24.86
O2 SO4 S . 5.27 -5.94 -26.09
O3 SO4 S . 4.25 -7.82 -25.03
O4 SO4 S . 3.22 -6.84 -26.94
CL CL T . -5.88 20.44 12.53
C1 4OJ U . -3.58 -6.33 6.01
C2 4OJ U . -2.98 -6.74 7.20
C3 4OJ U . -1.63 -7.11 7.25
C4 4OJ U . -0.88 -7.08 6.09
C5 4OJ U . -1.47 -6.67 4.89
C6 4OJ U . -2.81 -6.30 4.84
O12 4OJ U . -0.77 -6.63 3.70
P13 4OJ U . 0.11 -5.46 3.11
O1P 4OJ U . 1.40 -6.05 2.67
O2P 4OJ U . 0.31 -4.37 4.08
C7 4OJ U . -3.40 -5.87 3.52
#